data_6XGY
#
_entry.id   6XGY
#
_cell.length_a   102.710
_cell.length_b   102.710
_cell.length_c   89.710
_cell.angle_alpha   90.000
_cell.angle_beta   90.000
_cell.angle_gamma   120.000
#
_symmetry.space_group_name_H-M   'P 32 2 1'
#
loop_
_entity.id
_entity.type
_entity.pdbx_description
1 polymer 'Organic solvent ABC transporter ATP-binding protein'
2 polymer 'ABC transporter maintaining OM lipid asymmetry, cytoplasmic STAS component'
3 non-polymer "ADENOSINE-5'-DIPHOSPHATE"
4 non-polymer 'MAGNESIUM ION'
5 water water
#
loop_
_entity_poly.entity_id
_entity_poly.type
_entity_poly.pdbx_seq_one_letter_code
_entity_poly.pdbx_strand_id
1 'polypeptide(L)'
;MEQSVANLVDMRDVSFTRGNRCIFDNISLTVPRGKITAIMGPSGIGKTTLLRLIGGQIAPDHGEILFDGENIPAMSRSRL
YTVRKRMSMLFQSGALFTDMNVFDNVAYPLREHTQLPAPLLHSTVMMKLEAVGLRGAAKLMPSELSGGMARRAALARAIA
LEPDLIMFDEPFVGQDPITMGVLVKLISELNSALGVTCVVVSHDVPEVLSIADHAWILADKKIVAHGSAQALQANPDPRV
RQFLDGIADGPVPFRYPAGDYHADLLPGS
;
A
2 'polypeptide(L)'
;MHHHHHHENLYFQSESLSWMQTGDTLALSGELDQDVLLPLWEMREEAVKGITCIDLSRVSRVDTGGLALLLHLIDLAKKQ
GNNVTLQGVNDKVYTLAKLYNLPADVLPR
;
B
#
# COMPACT_ATOMS: atom_id res chain seq x y z
N VAL A 5 9.05 -11.80 10.36
CA VAL A 5 9.13 -12.35 9.01
C VAL A 5 9.82 -11.38 8.07
N ALA A 6 10.52 -11.93 7.07
CA ALA A 6 11.12 -11.13 6.02
C ALA A 6 10.21 -10.99 4.80
N ASN A 7 9.37 -11.99 4.55
CA ASN A 7 8.49 -12.01 3.38
C ASN A 7 7.05 -12.10 3.87
N LEU A 8 6.27 -11.07 3.60
CA LEU A 8 4.88 -11.07 4.02
C LEU A 8 4.09 -12.20 3.35
N VAL A 9 4.30 -12.40 2.05
CA VAL A 9 3.71 -13.50 1.31
C VAL A 9 4.84 -14.39 0.82
N ASP A 10 4.68 -15.71 0.99
CA ASP A 10 5.69 -16.67 0.57
C ASP A 10 4.97 -17.87 -0.03
N MET A 11 5.00 -17.97 -1.36
CA MET A 11 4.42 -19.10 -2.07
C MET A 11 5.48 -20.18 -2.24
N ARG A 12 5.11 -21.42 -1.96
CA ARG A 12 6.04 -22.55 -1.95
C ARG A 12 5.50 -23.67 -2.82
N ASP A 13 6.07 -23.82 -4.02
CA ASP A 13 5.76 -24.92 -4.93
C ASP A 13 4.26 -25.04 -5.17
N VAL A 14 3.69 -23.96 -5.71
CA VAL A 14 2.25 -23.79 -5.84
C VAL A 14 1.83 -24.17 -7.24
N SER A 15 0.92 -25.15 -7.36
CA SER A 15 0.33 -25.55 -8.62
C SER A 15 -1.17 -25.30 -8.60
N PHE A 16 -1.71 -24.85 -9.73
CA PHE A 16 -3.13 -24.54 -9.86
C PHE A 16 -3.62 -24.93 -11.23
N THR A 17 -4.77 -25.60 -11.29
CA THR A 17 -5.30 -26.13 -12.53
C THR A 17 -6.79 -25.85 -12.63
N ARG A 18 -7.22 -25.42 -13.80
CA ARG A 18 -8.63 -25.19 -14.09
C ARG A 18 -9.04 -26.07 -15.25
N GLY A 19 -10.02 -26.93 -15.02
CA GLY A 19 -10.57 -27.75 -16.09
C GLY A 19 -9.49 -28.67 -16.66
N ASN A 20 -9.28 -28.57 -17.96
CA ASN A 20 -8.32 -29.41 -18.64
C ASN A 20 -6.90 -28.83 -18.65
N ARG A 21 -6.77 -27.52 -18.44
CA ARG A 21 -5.51 -26.83 -18.65
C ARG A 21 -4.90 -26.40 -17.31
N CYS A 22 -3.58 -26.47 -17.25
CA CYS A 22 -2.83 -26.06 -16.07
C CYS A 22 -2.38 -24.61 -16.22
N ILE A 23 -2.55 -23.83 -15.15
CA ILE A 23 -2.18 -22.43 -15.14
C ILE A 23 -0.83 -22.21 -14.47
N PHE A 24 -0.56 -22.92 -13.38
CA PHE A 24 0.67 -22.78 -12.62
C PHE A 24 1.29 -24.14 -12.38
N ASP A 25 2.59 -24.26 -12.63
CA ASP A 25 3.35 -25.49 -12.42
C ASP A 25 4.36 -25.21 -11.32
N ASN A 26 4.17 -25.89 -10.17
CA ASN A 26 4.66 -25.49 -8.85
C ASN A 26 5.52 -24.23 -8.85
N ILE A 27 4.86 -23.08 -8.84
CA ILE A 27 5.53 -21.79 -8.74
C ILE A 27 5.93 -21.54 -7.30
N SER A 28 7.00 -20.77 -7.11
CA SER A 28 7.44 -20.34 -5.79
C SER A 28 7.83 -18.88 -5.90
N LEU A 29 7.14 -18.02 -5.15
CA LEU A 29 7.26 -16.58 -5.31
C LEU A 29 7.33 -15.93 -3.94
N THR A 30 7.94 -14.73 -3.90
CA THR A 30 8.27 -14.05 -2.66
C THR A 30 7.86 -12.59 -2.74
N VAL A 31 7.21 -12.10 -1.67
CA VAL A 31 6.90 -10.69 -1.51
C VAL A 31 7.48 -10.23 -0.18
N PRO A 32 8.63 -9.55 -0.22
CA PRO A 32 9.22 -9.04 1.04
C PRO A 32 8.42 -7.85 1.57
N ARG A 33 8.16 -7.86 2.88
CA ARG A 33 7.30 -6.84 3.46
C ARG A 33 8.03 -5.51 3.58
N GLY A 34 7.28 -4.43 3.34
CA GLY A 34 7.84 -3.09 3.34
C GLY A 34 8.38 -2.63 2.00
N LYS A 35 8.40 -3.51 1.00
CA LYS A 35 8.96 -3.19 -0.31
C LYS A 35 7.90 -3.43 -1.39
N ILE A 36 8.13 -2.83 -2.55
CA ILE A 36 7.19 -2.91 -3.67
C ILE A 36 7.59 -4.06 -4.58
N THR A 37 6.67 -4.98 -4.83
CA THR A 37 6.90 -6.15 -5.66
C THR A 37 6.01 -6.09 -6.88
N ALA A 38 6.59 -6.35 -8.06
CA ALA A 38 5.89 -6.24 -9.32
C ALA A 38 5.75 -7.60 -9.99
N ILE A 39 4.56 -7.86 -10.53
CA ILE A 39 4.27 -9.09 -11.26
C ILE A 39 3.97 -8.70 -12.71
N MET A 40 4.67 -9.34 -13.65
CA MET A 40 4.51 -9.03 -15.07
C MET A 40 4.43 -10.32 -15.86
N GLY A 41 3.85 -10.24 -17.06
CA GLY A 41 3.68 -11.39 -17.91
C GLY A 41 2.60 -11.18 -18.96
N PRO A 42 2.57 -12.04 -19.96
CA PRO A 42 1.56 -11.90 -21.02
C PRO A 42 0.15 -12.06 -20.47
N SER A 43 -0.81 -11.52 -21.23
CA SER A 43 -2.21 -11.63 -20.85
C SER A 43 -2.66 -13.08 -20.85
N GLY A 44 -3.38 -13.46 -19.80
CA GLY A 44 -3.88 -14.82 -19.67
C GLY A 44 -3.00 -15.78 -18.92
N ILE A 45 -1.89 -15.31 -18.34
CA ILE A 45 -0.97 -16.22 -17.66
C ILE A 45 -1.51 -16.63 -16.29
N GLY A 46 -2.23 -15.76 -15.61
CA GLY A 46 -2.76 -16.07 -14.30
C GLY A 46 -2.36 -15.07 -13.23
N LYS A 47 -2.09 -13.84 -13.65
CA LYS A 47 -1.71 -12.80 -12.69
C LYS A 47 -2.85 -12.51 -11.72
N THR A 48 -4.06 -12.29 -12.24
CA THR A 48 -5.22 -12.12 -11.38
C THR A 48 -5.48 -13.38 -10.55
N THR A 49 -5.26 -14.55 -11.15
CA THR A 49 -5.39 -15.81 -10.41
C THR A 49 -4.41 -15.85 -9.25
N LEU A 50 -3.15 -15.48 -9.50
CA LEU A 50 -2.14 -15.49 -8.46
C LEU A 50 -2.51 -14.56 -7.30
N LEU A 51 -3.18 -13.45 -7.59
CA LEU A 51 -3.59 -12.53 -6.52
C LEU A 51 -4.70 -13.15 -5.68
N ARG A 52 -5.71 -13.75 -6.33
CA ARG A 52 -6.80 -14.38 -5.61
C ARG A 52 -6.34 -15.57 -4.78
N LEU A 53 -5.20 -16.19 -5.16
CA LEU A 53 -4.62 -17.24 -4.32
C LEU A 53 -4.08 -16.65 -3.02
N ILE A 54 -3.40 -15.51 -3.11
CA ILE A 54 -2.92 -14.83 -1.91
C ILE A 54 -4.09 -14.37 -1.05
N GLY A 55 -5.21 -13.99 -1.68
CA GLY A 55 -6.34 -13.51 -0.92
C GLY A 55 -7.18 -14.59 -0.26
N GLY A 56 -7.14 -15.81 -0.79
CA GLY A 56 -7.91 -16.91 -0.24
C GLY A 56 -9.22 -17.21 -0.93
N GLN A 57 -9.64 -16.40 -1.90
CA GLN A 57 -10.88 -16.66 -2.63
C GLN A 57 -10.80 -17.93 -3.46
N ILE A 58 -9.59 -18.38 -3.77
CA ILE A 58 -9.40 -19.65 -4.46
C ILE A 58 -8.20 -20.34 -3.80
N ALA A 59 -8.25 -21.66 -3.81
CA ALA A 59 -7.21 -22.42 -3.17
C ALA A 59 -6.39 -23.19 -4.19
N PRO A 60 -5.08 -23.34 -3.99
CA PRO A 60 -4.27 -24.09 -4.95
C PRO A 60 -4.53 -25.58 -4.85
N ASP A 61 -4.19 -26.28 -5.93
CA ASP A 61 -4.26 -27.74 -5.90
C ASP A 61 -3.14 -28.32 -5.04
N HIS A 62 -1.95 -27.72 -5.10
CA HIS A 62 -0.80 -28.16 -4.32
C HIS A 62 0.04 -26.94 -3.97
N GLY A 63 0.74 -27.03 -2.85
CA GLY A 63 1.59 -25.95 -2.38
C GLY A 63 1.03 -25.28 -1.15
N GLU A 64 1.69 -24.19 -0.76
CA GLU A 64 1.29 -23.43 0.42
C GLU A 64 1.57 -21.95 0.19
N ILE A 65 0.65 -21.11 0.66
CA ILE A 65 0.73 -19.66 0.50
C ILE A 65 0.76 -19.06 1.90
N LEU A 66 1.94 -18.66 2.35
CA LEU A 66 2.15 -18.24 3.73
C LEU A 66 2.10 -16.72 3.82
N PHE A 67 1.01 -16.19 4.37
CA PHE A 67 0.90 -14.77 4.65
C PHE A 67 1.30 -14.53 6.10
N ASP A 68 2.39 -13.79 6.30
CA ASP A 68 2.92 -13.50 7.63
C ASP A 68 3.22 -14.80 8.38
N GLY A 69 3.69 -15.80 7.64
CA GLY A 69 4.00 -17.10 8.19
C GLY A 69 2.84 -18.07 8.31
N GLU A 70 1.62 -17.61 8.05
CA GLU A 70 0.42 -18.43 8.23
C GLU A 70 -0.10 -18.88 6.87
N ASN A 71 -0.38 -20.17 6.73
CA ASN A 71 -0.83 -20.75 5.46
C ASN A 71 -2.31 -20.44 5.25
N ILE A 72 -2.62 -19.71 4.18
CA ILE A 72 -3.96 -19.23 3.89
C ILE A 72 -4.94 -20.36 3.55
N PRO A 73 -4.62 -21.27 2.62
CA PRO A 73 -5.61 -22.31 2.29
C PRO A 73 -6.03 -23.16 3.47
N ALA A 74 -5.14 -23.39 4.43
CA ALA A 74 -5.44 -24.21 5.60
C ALA A 74 -6.08 -23.42 6.72
N MET A 75 -6.30 -22.11 6.55
CA MET A 75 -6.89 -21.31 7.60
C MET A 75 -8.36 -21.67 7.81
N SER A 76 -8.81 -21.48 9.05
CA SER A 76 -10.24 -21.53 9.35
C SER A 76 -10.96 -20.42 8.59
N ARG A 77 -12.27 -20.63 8.39
CA ARG A 77 -13.08 -19.57 7.81
C ARG A 77 -13.14 -18.35 8.72
N SER A 78 -13.11 -18.57 10.04
CA SER A 78 -13.06 -17.46 10.98
C SER A 78 -11.71 -16.76 10.92
N ARG A 79 -10.63 -17.53 10.70
CA ARG A 79 -9.29 -16.95 10.66
C ARG A 79 -9.00 -16.27 9.33
N LEU A 80 -9.39 -16.91 8.22
CA LEU A 80 -9.20 -16.29 6.91
C LEU A 80 -9.96 -14.98 6.80
N TYR A 81 -11.17 -14.94 7.36
CA TYR A 81 -11.96 -13.71 7.36
C TYR A 81 -11.22 -12.58 8.06
N THR A 82 -10.54 -12.89 9.17
CA THR A 82 -9.83 -11.85 9.92
C THR A 82 -8.50 -11.50 9.28
N VAL A 83 -7.79 -12.50 8.76
CA VAL A 83 -6.50 -12.24 8.12
C VAL A 83 -6.68 -11.39 6.87
N ARG A 84 -7.77 -11.62 6.13
CA ARG A 84 -8.03 -10.82 4.93
C ARG A 84 -8.23 -9.34 5.25
N LYS A 85 -8.60 -8.99 6.50
CA LYS A 85 -8.74 -7.59 6.85
C LYS A 85 -7.42 -6.83 6.80
N ARG A 86 -6.29 -7.54 6.92
CA ARG A 86 -4.99 -6.91 6.74
C ARG A 86 -4.62 -6.71 5.29
N MET A 87 -5.43 -7.22 4.35
CA MET A 87 -5.18 -7.08 2.92
C MET A 87 -6.16 -6.09 2.30
N SER A 88 -5.80 -5.61 1.12
CA SER A 88 -6.68 -4.73 0.35
C SER A 88 -6.37 -4.94 -1.13
N MET A 89 -7.33 -5.48 -1.87
CA MET A 89 -7.22 -5.61 -3.32
C MET A 89 -7.88 -4.39 -3.94
N LEU A 90 -7.07 -3.50 -4.52
CA LEU A 90 -7.55 -2.16 -4.87
C LEU A 90 -8.08 -2.09 -6.30
N PHE A 91 -9.00 -1.14 -6.50
CA PHE A 91 -9.69 -0.90 -7.76
C PHE A 91 -10.58 -2.08 -8.12
N GLN A 92 -11.16 -2.69 -7.09
CA GLN A 92 -12.24 -3.66 -7.23
C GLN A 92 -13.56 -2.93 -7.38
N SER A 93 -14.65 -3.63 -7.16
CA SER A 93 -15.94 -2.97 -6.96
C SER A 93 -16.07 -2.57 -5.49
N GLY A 94 -17.20 -1.97 -5.16
CA GLY A 94 -17.41 -1.49 -3.80
C GLY A 94 -16.63 -0.22 -3.55
N ALA A 95 -15.30 -0.32 -3.49
CA ALA A 95 -14.36 0.80 -3.45
C ALA A 95 -14.87 2.06 -2.74
N LEU A 96 -15.92 2.67 -3.30
CA LEU A 96 -16.51 3.89 -2.75
C LEU A 96 -18.02 3.71 -2.63
N PHE A 97 -18.56 4.10 -1.47
CA PHE A 97 -20.01 4.23 -1.36
C PHE A 97 -20.49 5.36 -2.26
N THR A 98 -21.53 5.09 -3.05
CA THR A 98 -22.02 6.08 -3.99
C THR A 98 -22.99 7.08 -3.37
N ASP A 99 -23.40 6.89 -2.11
CA ASP A 99 -24.39 7.75 -1.49
C ASP A 99 -23.81 8.70 -0.45
N MET A 100 -22.50 8.67 -0.21
CA MET A 100 -21.86 9.60 0.70
C MET A 100 -20.64 10.22 0.02
N ASN A 101 -20.23 11.37 0.54
CA ASN A 101 -19.21 12.18 -0.12
C ASN A 101 -17.81 11.56 0.06
N VAL A 102 -16.79 12.27 -0.39
CA VAL A 102 -15.43 11.73 -0.41
C VAL A 102 -14.87 11.62 1.00
N PHE A 103 -15.07 12.66 1.81
CA PHE A 103 -14.61 12.63 3.19
C PHE A 103 -15.26 11.48 3.95
N ASP A 104 -16.59 11.35 3.85
CA ASP A 104 -17.29 10.28 4.55
C ASP A 104 -16.83 8.90 4.09
N ASN A 105 -16.42 8.78 2.83
CA ASN A 105 -15.91 7.50 2.35
C ASN A 105 -14.62 7.12 3.06
N VAL A 106 -13.62 8.00 3.00
CA VAL A 106 -12.34 7.71 3.64
C VAL A 106 -12.47 7.61 5.15
N ALA A 107 -13.46 8.29 5.74
CA ALA A 107 -13.64 8.25 7.19
C ALA A 107 -14.43 7.02 7.63
N TYR A 108 -15.28 6.45 6.76
CA TYR A 108 -16.12 5.33 7.13
C TYR A 108 -15.38 4.17 7.79
N PRO A 109 -14.22 3.72 7.30
CA PRO A 109 -13.55 2.60 7.99
C PRO A 109 -13.18 2.90 9.43
N LEU A 110 -12.55 4.06 9.68
CA LEU A 110 -12.13 4.39 11.04
C LEU A 110 -13.33 4.68 11.93
N ARG A 111 -14.44 5.18 11.37
CA ARG A 111 -15.61 5.51 12.16
C ARG A 111 -16.20 4.29 12.86
N GLU A 112 -15.90 3.09 12.38
CA GLU A 112 -16.47 1.88 12.95
C GLU A 112 -15.40 0.95 13.50
N HIS A 113 -14.37 0.61 12.70
CA HIS A 113 -13.45 -0.46 13.05
C HIS A 113 -12.27 0.02 13.86
N THR A 114 -12.26 1.28 14.26
N THR A 114 -12.28 1.28 14.28
CA THR A 114 -11.29 1.79 15.22
CA THR A 114 -11.25 1.83 15.17
C THR A 114 -12.04 2.54 16.30
C THR A 114 -11.94 2.53 16.33
N GLN A 115 -11.48 2.52 17.52
N GLN A 115 -11.22 2.60 17.45
CA GLN A 115 -11.98 3.35 18.61
CA GLN A 115 -11.68 3.22 18.68
C GLN A 115 -11.06 4.52 18.90
C GLN A 115 -11.16 4.63 18.84
N LEU A 116 -10.58 5.17 17.85
N LEU A 116 -10.57 5.20 17.79
CA LEU A 116 -9.90 6.46 17.93
CA LEU A 116 -9.92 6.49 17.87
C LEU A 116 -10.95 7.55 18.20
C LEU A 116 -10.96 7.56 18.21
N PRO A 117 -10.60 8.55 19.04
CA PRO A 117 -11.53 9.66 19.27
C PRO A 117 -11.87 10.43 18.01
N ALA A 118 -12.95 11.22 18.11
CA ALA A 118 -13.52 11.86 16.93
C ALA A 118 -12.65 12.98 16.37
N PRO A 119 -12.20 13.97 17.16
CA PRO A 119 -11.41 15.05 16.55
C PRO A 119 -10.11 14.57 15.91
N LEU A 120 -9.52 13.49 16.44
CA LEU A 120 -8.31 12.95 15.82
C LEU A 120 -8.64 12.19 14.55
N LEU A 121 -9.77 11.48 14.54
CA LEU A 121 -10.22 10.82 13.32
C LEU A 121 -10.43 11.83 12.21
N HIS A 122 -11.03 12.99 12.54
CA HIS A 122 -11.28 14.02 11.54
C HIS A 122 -9.98 14.53 10.94
N SER A 123 -8.99 14.84 11.80
CA SER A 123 -7.70 15.28 11.30
C SER A 123 -7.01 14.19 10.48
N THR A 124 -7.24 12.92 10.82
CA THR A 124 -6.57 11.82 10.13
C THR A 124 -7.06 11.71 8.69
N VAL A 125 -8.36 11.89 8.46
CA VAL A 125 -8.88 11.82 7.10
C VAL A 125 -8.41 13.01 6.29
N MET A 126 -8.37 14.20 6.91
CA MET A 126 -7.86 15.38 6.20
C MET A 126 -6.43 15.17 5.74
N MET A 127 -5.59 14.58 6.58
CA MET A 127 -4.20 14.32 6.19
C MET A 127 -4.14 13.32 5.04
N LYS A 128 -4.90 12.23 5.14
CA LYS A 128 -4.85 11.21 4.09
C LYS A 128 -5.46 11.71 2.79
N LEU A 129 -6.42 12.65 2.85
CA LEU A 129 -6.90 13.27 1.62
C LEU A 129 -5.82 14.16 1.00
N GLU A 130 -5.01 14.81 1.84
CA GLU A 130 -3.89 15.59 1.32
C GLU A 130 -2.83 14.69 0.70
N ALA A 131 -2.71 13.45 1.18
CA ALA A 131 -1.72 12.53 0.64
C ALA A 131 -1.98 12.24 -0.84
N VAL A 132 -3.25 12.06 -1.20
CA VAL A 132 -3.63 11.85 -2.60
C VAL A 132 -4.10 13.14 -3.26
N GLY A 133 -3.93 14.28 -2.60
CA GLY A 133 -4.22 15.57 -3.21
C GLY A 133 -5.68 15.82 -3.52
N LEU A 134 -6.59 15.32 -2.68
CA LEU A 134 -8.02 15.48 -2.90
C LEU A 134 -8.71 16.15 -1.73
N ARG A 135 -7.95 16.93 -0.94
CA ARG A 135 -8.55 17.58 0.22
C ARG A 135 -9.61 18.60 -0.20
N GLY A 136 -9.45 19.22 -1.36
CA GLY A 136 -10.46 20.13 -1.86
C GLY A 136 -11.72 19.44 -2.35
N ALA A 137 -11.64 18.15 -2.67
CA ALA A 137 -12.79 17.37 -3.12
C ALA A 137 -13.47 16.64 -1.98
N ALA A 138 -13.27 17.08 -0.73
CA ALA A 138 -13.79 16.32 0.41
C ALA A 138 -15.31 16.30 0.44
N LYS A 139 -15.96 17.35 -0.08
CA LYS A 139 -17.41 17.42 -0.09
C LYS A 139 -18.02 16.95 -1.41
N LEU A 140 -17.20 16.64 -2.41
CA LEU A 140 -17.70 16.12 -3.67
C LEU A 140 -18.21 14.69 -3.48
N MET A 141 -18.90 14.20 -4.50
CA MET A 141 -19.42 12.85 -4.56
C MET A 141 -18.69 12.05 -5.62
N PRO A 142 -18.71 10.71 -5.53
CA PRO A 142 -18.15 9.90 -6.62
C PRO A 142 -18.85 10.11 -7.94
N SER A 143 -20.08 10.62 -7.93
CA SER A 143 -20.77 10.99 -9.16
C SER A 143 -19.98 12.01 -9.95
N GLU A 144 -19.46 13.03 -9.26
CA GLU A 144 -18.76 14.13 -9.89
C GLU A 144 -17.28 13.85 -10.13
N LEU A 145 -16.73 12.81 -9.51
CA LEU A 145 -15.29 12.58 -9.56
C LEU A 145 -14.82 12.24 -10.96
N SER A 146 -13.63 12.72 -11.29
CA SER A 146 -12.99 12.39 -12.56
C SER A 146 -12.65 10.90 -12.57
N GLY A 147 -12.04 10.46 -13.69
CA GLY A 147 -11.57 9.10 -13.79
C GLY A 147 -10.46 8.81 -12.79
N GLY A 148 -9.34 9.54 -12.94
CA GLY A 148 -8.23 9.33 -12.03
C GLY A 148 -8.53 9.79 -10.62
N MET A 149 -9.31 10.86 -10.48
CA MET A 149 -9.63 11.37 -9.15
C MET A 149 -10.41 10.35 -8.33
N ALA A 150 -11.27 9.56 -8.97
CA ALA A 150 -12.00 8.54 -8.25
C ALA A 150 -11.07 7.46 -7.70
N ARG A 151 -10.10 7.01 -8.50
CA ARG A 151 -9.20 5.97 -8.07
C ARG A 151 -8.27 6.45 -6.96
N ARG A 152 -7.97 7.74 -6.93
CA ARG A 152 -7.17 8.27 -5.82
C ARG A 152 -7.97 8.28 -4.53
N ALA A 153 -9.29 8.51 -4.62
CA ALA A 153 -10.13 8.44 -3.43
C ALA A 153 -10.25 7.01 -2.92
N ALA A 154 -10.29 6.03 -3.83
CA ALA A 154 -10.27 4.63 -3.42
C ALA A 154 -8.98 4.30 -2.70
N LEU A 155 -7.85 4.78 -3.23
CA LEU A 155 -6.57 4.57 -2.57
C LEU A 155 -6.56 5.19 -1.17
N ALA A 156 -7.17 6.36 -1.02
CA ALA A 156 -7.23 7.01 0.28
C ALA A 156 -8.04 6.18 1.27
N ARG A 157 -9.20 5.69 0.85
CA ARG A 157 -10.00 4.86 1.74
C ARG A 157 -9.33 3.53 2.04
N ALA A 158 -8.52 3.03 1.10
CA ALA A 158 -7.85 1.75 1.33
C ALA A 158 -6.82 1.87 2.44
N ILE A 159 -6.07 2.97 2.47
CA ILE A 159 -5.00 3.13 3.45
C ILE A 159 -5.57 3.76 4.73
N ALA A 160 -6.89 3.95 4.76
CA ALA A 160 -7.52 4.54 5.95
C ALA A 160 -7.33 3.64 7.16
N LEU A 161 -7.54 2.33 7.00
CA LEU A 161 -7.28 1.36 8.06
C LEU A 161 -5.82 0.91 8.09
N GLU A 162 -4.99 1.40 7.17
CA GLU A 162 -3.57 1.06 7.07
C GLU A 162 -3.37 -0.45 7.06
N PRO A 163 -3.76 -1.14 5.99
CA PRO A 163 -3.56 -2.58 5.93
C PRO A 163 -2.09 -2.92 5.70
N ASP A 164 -1.77 -4.21 5.93
CA ASP A 164 -0.39 -4.64 5.78
C ASP A 164 0.00 -4.86 4.33
N LEU A 165 -0.94 -5.30 3.49
CA LEU A 165 -0.66 -5.63 2.10
C LEU A 165 -1.72 -5.02 1.20
N ILE A 166 -1.27 -4.36 0.13
CA ILE A 166 -2.15 -3.80 -0.89
C ILE A 166 -1.76 -4.39 -2.24
N MET A 167 -2.77 -4.79 -3.01
CA MET A 167 -2.57 -5.43 -4.31
C MET A 167 -3.27 -4.62 -5.39
N PHE A 168 -2.53 -4.25 -6.43
CA PHE A 168 -3.05 -3.48 -7.56
C PHE A 168 -3.07 -4.39 -8.78
N ASP A 169 -4.24 -4.52 -9.40
CA ASP A 169 -4.41 -5.39 -10.58
C ASP A 169 -4.50 -4.50 -11.82
N GLU A 170 -3.38 -4.35 -12.52
CA GLU A 170 -3.26 -3.49 -13.69
C GLU A 170 -3.88 -2.11 -13.44
N PRO A 171 -3.36 -1.35 -12.48
CA PRO A 171 -4.01 -0.10 -12.09
C PRO A 171 -3.82 1.03 -13.07
N PHE A 172 -2.93 0.91 -14.05
CA PHE A 172 -2.59 2.01 -14.94
C PHE A 172 -3.29 1.94 -16.29
N VAL A 173 -4.10 0.92 -16.54
CA VAL A 173 -4.62 0.70 -17.88
C VAL A 173 -5.60 1.80 -18.25
N GLY A 174 -5.60 2.18 -19.52
CA GLY A 174 -6.48 3.23 -20.01
C GLY A 174 -6.25 4.59 -19.38
N GLN A 175 -5.01 4.90 -19.00
CA GLN A 175 -4.72 6.16 -18.31
C GLN A 175 -3.68 6.96 -19.09
N ASP A 176 -3.92 8.27 -19.17
CA ASP A 176 -2.97 9.18 -19.78
C ASP A 176 -1.73 9.29 -18.89
N PRO A 177 -0.59 9.70 -19.46
CA PRO A 177 0.65 9.73 -18.67
C PRO A 177 0.61 10.63 -17.45
N ILE A 178 -0.23 11.66 -17.44
CA ILE A 178 -0.35 12.50 -16.24
C ILE A 178 -1.08 11.74 -15.14
N THR A 179 -2.23 11.15 -15.46
CA THR A 179 -2.97 10.36 -14.48
C THR A 179 -2.12 9.20 -13.98
N MET A 180 -1.40 8.54 -14.89
CA MET A 180 -0.57 7.41 -14.51
C MET A 180 0.60 7.86 -13.63
N GLY A 181 1.26 8.96 -14.03
CA GLY A 181 2.40 9.44 -13.26
C GLY A 181 2.02 9.81 -11.84
N VAL A 182 0.80 10.32 -11.64
CA VAL A 182 0.33 10.62 -10.29
C VAL A 182 0.21 9.34 -9.46
N LEU A 183 -0.42 8.31 -10.04
CA LEU A 183 -0.66 7.09 -9.28
C LEU A 183 0.64 6.32 -9.02
N VAL A 184 1.63 6.46 -9.90
CA VAL A 184 2.91 5.82 -9.67
C VAL A 184 3.64 6.48 -8.50
N LYS A 185 3.68 7.81 -8.50
CA LYS A 185 4.31 8.53 -7.40
C LYS A 185 3.55 8.30 -6.09
N LEU A 186 2.22 8.24 -6.16
CA LEU A 186 1.43 8.03 -4.96
C LEU A 186 1.76 6.67 -4.32
N ILE A 187 1.75 5.61 -5.12
CA ILE A 187 2.06 4.29 -4.59
C ILE A 187 3.47 4.28 -3.99
N SER A 188 4.43 4.85 -4.71
CA SER A 188 5.81 4.89 -4.19
C SER A 188 5.90 5.75 -2.93
N GLU A 189 5.07 6.78 -2.81
CA GLU A 189 5.11 7.65 -1.63
C GLU A 189 4.54 6.94 -0.41
N LEU A 190 3.39 6.27 -0.58
CA LEU A 190 2.78 5.56 0.53
C LEU A 190 3.62 4.38 1.00
N ASN A 191 4.44 3.81 0.11
CA ASN A 191 5.31 2.70 0.49
C ASN A 191 6.50 3.18 1.31
N SER A 192 7.13 4.28 0.90
CA SER A 192 8.31 4.78 1.59
C SER A 192 7.97 5.53 2.88
N ALA A 193 6.69 5.82 3.13
CA ALA A 193 6.28 6.55 4.32
C ALA A 193 5.56 5.66 5.32
N LEU A 194 4.46 5.03 4.92
CA LEU A 194 3.73 4.13 5.81
C LEU A 194 4.31 2.73 5.88
N GLY A 195 5.23 2.39 4.99
CA GLY A 195 5.80 1.06 4.97
C GLY A 195 4.85 -0.03 4.52
N VAL A 196 3.79 0.33 3.80
CA VAL A 196 2.81 -0.66 3.37
C VAL A 196 3.43 -1.55 2.29
N THR A 197 3.12 -2.84 2.34
CA THR A 197 3.62 -3.79 1.37
C THR A 197 2.71 -3.80 0.15
N CYS A 198 3.29 -3.67 -1.03
CA CYS A 198 2.53 -3.49 -2.27
C CYS A 198 2.91 -4.56 -3.28
N VAL A 199 1.90 -5.17 -3.89
CA VAL A 199 2.07 -6.05 -5.04
C VAL A 199 1.36 -5.39 -6.22
N VAL A 200 2.10 -5.18 -7.31
CA VAL A 200 1.59 -4.44 -8.46
C VAL A 200 1.71 -5.31 -9.70
N VAL A 201 0.57 -5.68 -10.27
CA VAL A 201 0.52 -6.33 -11.58
C VAL A 201 0.29 -5.24 -12.62
N SER A 202 1.08 -5.27 -13.70
CA SER A 202 0.97 -4.23 -14.71
C SER A 202 1.66 -4.68 -15.99
N HIS A 203 1.24 -4.06 -17.10
CA HIS A 203 1.93 -4.19 -18.37
C HIS A 203 2.81 -3.00 -18.69
N ASP A 204 2.63 -1.88 -18.00
CA ASP A 204 3.43 -0.68 -18.19
C ASP A 204 4.79 -0.92 -17.54
N VAL A 205 5.68 -1.58 -18.30
CA VAL A 205 6.93 -2.07 -17.74
C VAL A 205 7.84 -0.94 -17.25
N PRO A 206 8.10 0.12 -18.02
CA PRO A 206 9.04 1.15 -17.51
C PRO A 206 8.54 1.86 -16.26
N GLU A 207 7.23 2.11 -16.17
CA GLU A 207 6.71 2.84 -15.01
C GLU A 207 6.79 1.99 -13.74
N VAL A 208 6.44 0.70 -13.84
CA VAL A 208 6.40 -0.13 -12.63
C VAL A 208 7.80 -0.46 -12.14
N LEU A 209 8.77 -0.61 -13.05
CA LEU A 209 10.14 -0.91 -12.63
C LEU A 209 10.82 0.30 -12.00
N SER A 210 10.28 1.51 -12.20
CA SER A 210 10.88 2.69 -11.60
C SER A 210 10.65 2.77 -10.10
N ILE A 211 9.61 2.10 -9.59
CA ILE A 211 9.30 2.13 -8.16
C ILE A 211 9.39 0.76 -7.52
N ALA A 212 9.56 -0.31 -8.28
CA ALA A 212 9.60 -1.64 -7.72
C ALA A 212 10.97 -1.95 -7.13
N ASP A 213 10.97 -2.61 -5.98
CA ASP A 213 12.19 -3.10 -5.36
C ASP A 213 12.51 -4.54 -5.75
N HIS A 214 11.56 -5.23 -6.37
CA HIS A 214 11.75 -6.60 -6.85
C HIS A 214 10.65 -6.88 -7.87
N ALA A 215 11.01 -7.58 -8.95
CA ALA A 215 10.08 -7.84 -10.05
C ALA A 215 10.14 -9.29 -10.46
N TRP A 216 9.06 -9.75 -11.10
CA TRP A 216 8.92 -11.12 -11.57
C TRP A 216 8.30 -11.11 -12.96
N ILE A 217 8.78 -12.02 -13.81
CA ILE A 217 8.27 -12.18 -15.17
C ILE A 217 7.83 -13.62 -15.34
N LEU A 218 6.60 -13.82 -15.81
CA LEU A 218 6.00 -15.14 -15.94
C LEU A 218 5.77 -15.47 -17.42
N ALA A 219 6.00 -16.74 -17.77
CA ALA A 219 5.65 -17.24 -19.10
C ALA A 219 5.67 -18.76 -19.06
N ASP A 220 4.71 -19.37 -19.76
CA ASP A 220 4.61 -20.83 -19.88
C ASP A 220 4.47 -21.50 -18.52
N LYS A 221 3.44 -21.07 -17.78
CA LYS A 221 3.04 -21.64 -16.50
C LYS A 221 4.13 -21.59 -15.44
N LYS A 222 5.23 -20.88 -15.72
CA LYS A 222 6.37 -20.86 -14.81
C LYS A 222 6.93 -19.44 -14.73
N ILE A 223 7.83 -19.24 -13.79
CA ILE A 223 8.52 -17.97 -13.61
C ILE A 223 9.74 -17.95 -14.53
N VAL A 224 9.78 -16.99 -15.44
CA VAL A 224 10.90 -16.89 -16.37
C VAL A 224 12.13 -16.32 -15.67
N ALA A 225 11.98 -15.19 -14.99
CA ALA A 225 13.10 -14.56 -14.31
C ALA A 225 12.56 -13.57 -13.29
N HIS A 226 13.29 -13.43 -12.18
CA HIS A 226 13.00 -12.45 -11.16
C HIS A 226 14.25 -11.58 -10.93
N GLY A 227 14.20 -10.75 -9.90
CA GLY A 227 15.31 -9.90 -9.52
C GLY A 227 14.89 -8.45 -9.39
N SER A 228 15.87 -7.60 -9.12
CA SER A 228 15.62 -6.18 -8.97
C SER A 228 15.47 -5.53 -10.35
N ALA A 229 15.09 -4.25 -10.34
CA ALA A 229 14.90 -3.52 -11.58
C ALA A 229 16.21 -3.39 -12.34
N GLN A 230 17.27 -2.94 -11.67
CA GLN A 230 18.57 -2.83 -12.32
C GLN A 230 19.09 -4.20 -12.75
N ALA A 231 18.83 -5.23 -11.94
CA ALA A 231 19.26 -6.56 -12.29
C ALA A 231 18.49 -7.12 -13.48
N LEU A 232 17.22 -6.77 -13.61
CA LEU A 232 16.41 -7.29 -14.71
C LEU A 232 16.71 -6.58 -16.03
N GLN A 233 16.77 -5.25 -16.00
CA GLN A 233 16.98 -4.51 -17.24
C GLN A 233 18.40 -4.64 -17.77
N ALA A 234 19.32 -5.22 -16.99
CA ALA A 234 20.65 -5.56 -17.46
C ALA A 234 20.80 -7.06 -17.71
N ASN A 235 19.76 -7.84 -17.49
CA ASN A 235 19.77 -9.28 -17.72
C ASN A 235 19.78 -9.57 -19.22
N PRO A 236 20.86 -10.11 -19.78
CA PRO A 236 20.86 -10.47 -21.20
C PRO A 236 20.32 -11.86 -21.43
N ASP A 237 19.01 -11.96 -21.63
CA ASP A 237 18.33 -13.22 -21.92
C ASP A 237 17.27 -12.97 -22.97
N PRO A 238 17.32 -13.65 -24.11
CA PRO A 238 16.38 -13.35 -25.21
C PRO A 238 14.93 -13.30 -24.79
N ARG A 239 14.46 -14.27 -24.02
N ARG A 239 14.48 -14.31 -24.05
CA ARG A 239 13.04 -14.25 -23.64
CA ARG A 239 13.09 -14.35 -23.57
C ARG A 239 12.77 -13.23 -22.55
C ARG A 239 12.82 -13.20 -22.62
N VAL A 240 13.78 -12.88 -21.74
CA VAL A 240 13.61 -11.78 -20.80
C VAL A 240 13.75 -10.43 -21.52
N ARG A 241 14.71 -10.34 -22.45
CA ARG A 241 14.94 -9.07 -23.15
C ARG A 241 13.80 -8.75 -24.10
N GLN A 242 13.21 -9.77 -24.74
CA GLN A 242 12.12 -9.52 -25.67
C GLN A 242 10.90 -8.95 -24.95
N PHE A 243 10.65 -9.40 -23.72
CA PHE A 243 9.49 -8.91 -22.98
C PHE A 243 9.74 -7.52 -22.40
N LEU A 244 10.88 -7.33 -21.73
CA LEU A 244 11.15 -6.07 -21.07
C LEU A 244 11.25 -4.93 -22.09
N ASP A 245 11.81 -5.21 -23.26
CA ASP A 245 11.98 -4.17 -24.28
C ASP A 245 10.81 -4.08 -25.25
N GLY A 246 9.96 -5.09 -25.32
CA GLY A 246 8.85 -5.07 -26.26
C GLY A 246 9.30 -5.14 -27.70
N ILE A 247 10.02 -6.21 -28.04
CA ILE A 247 10.49 -6.43 -29.41
C ILE A 247 9.50 -7.34 -30.11
N ALA A 248 9.19 -7.02 -31.37
CA ALA A 248 8.14 -7.73 -32.08
C ALA A 248 8.45 -9.22 -32.23
N ASP A 249 9.70 -9.56 -32.57
CA ASP A 249 10.08 -10.94 -32.81
C ASP A 249 11.20 -11.35 -31.87
N GLY A 250 11.09 -12.57 -31.34
CA GLY A 250 12.07 -13.13 -30.44
C GLY A 250 11.72 -14.57 -30.11
N PRO A 251 12.05 -14.99 -28.88
CA PRO A 251 11.58 -16.32 -28.43
C PRO A 251 10.08 -16.45 -28.43
N VAL A 252 9.34 -15.35 -28.41
CA VAL A 252 7.90 -15.35 -28.71
C VAL A 252 7.77 -14.94 -30.18
N PRO A 253 7.55 -15.90 -31.08
CA PRO A 253 7.60 -15.57 -32.51
C PRO A 253 6.48 -14.63 -32.92
N PHE A 254 6.83 -13.67 -33.79
CA PHE A 254 5.80 -12.86 -34.43
C PHE A 254 5.00 -13.70 -35.43
N ARG A 255 5.62 -14.70 -36.05
CA ARG A 255 4.98 -15.49 -37.09
C ARG A 255 4.51 -16.83 -36.53
N TYR A 256 3.24 -17.13 -36.75
CA TYR A 256 2.71 -18.44 -36.42
C TYR A 256 3.34 -19.50 -37.33
N PRO A 257 3.72 -20.66 -36.81
CA PRO A 257 4.30 -21.70 -37.67
C PRO A 257 3.31 -22.11 -38.76
N ALA A 258 3.77 -22.04 -40.01
CA ALA A 258 2.87 -22.13 -41.15
C ALA A 258 3.22 -23.23 -42.14
N GLY A 259 4.50 -23.55 -42.27
CA GLY A 259 4.91 -24.50 -43.29
C GLY A 259 5.41 -23.80 -44.54
N ASP A 260 5.28 -24.47 -45.69
CA ASP A 260 5.88 -23.98 -46.92
C ASP A 260 5.05 -22.84 -47.50
N TYR A 261 5.67 -21.67 -47.64
CA TYR A 261 4.97 -20.51 -48.17
C TYR A 261 4.67 -20.66 -49.66
N HIS A 262 5.64 -21.17 -50.42
CA HIS A 262 5.49 -21.23 -51.87
C HIS A 262 4.27 -22.05 -52.27
N ALA A 263 4.00 -23.13 -51.54
CA ALA A 263 2.84 -23.97 -51.86
C ALA A 263 1.53 -23.24 -51.55
N ASP A 264 1.50 -22.46 -50.47
CA ASP A 264 0.27 -21.75 -50.11
C ASP A 264 -0.08 -20.68 -51.14
N LEU A 265 0.93 -20.13 -51.83
CA LEU A 265 0.66 -19.12 -52.84
C LEU A 265 0.25 -19.74 -54.17
N LEU A 266 0.93 -20.82 -54.57
CA LEU A 266 0.78 -21.41 -55.90
C LEU A 266 0.47 -22.89 -55.76
N PRO A 267 -0.80 -23.27 -55.74
CA PRO A 267 -1.16 -24.68 -55.56
C PRO A 267 -1.31 -25.43 -56.87
N GLY A 268 -2.53 -25.47 -57.39
CA GLY A 268 -2.79 -26.18 -58.63
C GLY A 268 -3.54 -25.35 -59.66
N TYR B 11 9.94 -11.71 20.74
CA TYR B 11 9.06 -12.43 21.66
C TYR B 11 8.05 -11.49 22.32
N PHE B 12 8.57 -10.41 22.90
CA PHE B 12 7.77 -9.42 23.61
C PHE B 12 7.65 -8.16 22.75
N GLN B 13 6.41 -7.72 22.53
CA GLN B 13 6.14 -6.59 21.64
C GLN B 13 5.08 -5.68 22.26
N SER B 14 5.17 -5.47 23.57
CA SER B 14 4.20 -4.64 24.26
C SER B 14 4.42 -3.15 23.95
N GLU B 15 3.32 -2.42 23.95
CA GLU B 15 3.32 -0.99 23.66
C GLU B 15 2.76 -0.21 24.84
N SER B 16 3.34 0.97 25.09
CA SER B 16 2.86 1.87 26.11
C SER B 16 3.14 3.30 25.66
N LEU B 17 2.50 4.25 26.32
CA LEU B 17 2.75 5.67 26.09
C LEU B 17 2.77 6.40 27.41
N SER B 18 3.85 7.12 27.67
CA SER B 18 4.01 7.88 28.89
C SER B 18 4.39 9.32 28.56
N TRP B 19 4.12 10.22 29.51
CA TRP B 19 4.41 11.63 29.34
C TRP B 19 4.70 12.24 30.71
N MET B 20 5.77 13.03 30.78
CA MET B 20 6.18 13.70 32.00
C MET B 20 6.49 15.15 31.68
N GLN B 21 5.91 16.07 32.45
CA GLN B 21 6.16 17.50 32.27
C GLN B 21 7.19 17.95 33.30
N THR B 22 8.30 18.51 32.81
CA THR B 22 9.39 19.00 33.65
C THR B 22 9.53 20.50 33.40
N GLY B 23 8.95 21.30 34.29
CA GLY B 23 9.00 22.74 34.12
C GLY B 23 8.17 23.24 32.95
N ASP B 24 8.83 23.55 31.84
CA ASP B 24 8.15 24.06 30.66
C ASP B 24 8.22 23.10 29.48
N THR B 25 8.70 21.87 29.69
CA THR B 25 8.90 20.92 28.61
C THR B 25 8.16 19.63 28.90
N LEU B 26 7.41 19.14 27.91
CA LEU B 26 6.67 17.89 27.99
C LEU B 26 7.42 16.81 27.23
N ALA B 27 7.71 15.70 27.91
CA ALA B 27 8.48 14.60 27.32
C ALA B 27 7.56 13.40 27.14
N LEU B 28 7.36 13.00 25.89
CA LEU B 28 6.66 11.77 25.57
C LEU B 28 7.66 10.65 25.34
N SER B 29 7.34 9.45 25.79
CA SER B 29 8.22 8.31 25.62
C SER B 29 7.42 7.04 25.49
N GLY B 30 7.82 6.19 24.54
CA GLY B 30 7.12 4.95 24.26
C GLY B 30 6.74 4.86 22.80
N GLU B 31 5.60 4.25 22.51
CA GLU B 31 5.04 4.21 21.16
C GLU B 31 3.86 5.16 21.10
N LEU B 32 3.85 6.03 20.08
CA LEU B 32 2.79 7.03 19.91
C LEU B 32 1.91 6.58 18.75
N ASP B 33 0.96 5.69 19.05
CA ASP B 33 0.15 5.09 17.99
C ASP B 33 -1.29 4.94 18.47
N GLN B 34 -2.10 4.25 17.65
CA GLN B 34 -3.55 4.25 17.79
C GLN B 34 -4.01 3.54 19.07
N ASP B 35 -3.32 2.48 19.49
CA ASP B 35 -3.82 1.64 20.58
C ASP B 35 -3.58 2.24 21.96
N VAL B 36 -2.67 3.19 22.11
CA VAL B 36 -2.25 3.67 23.42
C VAL B 36 -2.40 5.17 23.58
N LEU B 37 -2.93 5.87 22.57
CA LEU B 37 -2.94 7.33 22.64
C LEU B 37 -4.15 7.88 23.40
N LEU B 38 -5.18 7.07 23.62
CA LEU B 38 -6.40 7.57 24.26
C LEU B 38 -6.14 8.20 25.62
N PRO B 39 -5.36 7.61 26.54
CA PRO B 39 -5.17 8.25 27.85
C PRO B 39 -4.58 9.65 27.76
N LEU B 40 -3.78 9.94 26.74
CA LEU B 40 -3.22 11.27 26.60
C LEU B 40 -4.23 12.26 26.03
N TRP B 41 -5.03 11.82 25.05
CA TRP B 41 -6.01 12.72 24.46
C TRP B 41 -7.07 13.13 25.49
N GLU B 42 -7.47 12.20 26.34
CA GLU B 42 -8.44 12.54 27.38
C GLU B 42 -7.86 13.51 28.40
N MET B 43 -6.54 13.53 28.57
CA MET B 43 -5.86 14.51 29.41
C MET B 43 -5.01 15.46 28.58
N ARG B 44 -5.51 15.83 27.40
CA ARG B 44 -4.73 16.67 26.48
C ARG B 44 -4.57 18.08 27.03
N GLU B 45 -5.67 18.70 27.47
CA GLU B 45 -5.63 20.08 27.90
C GLU B 45 -4.90 20.27 29.21
N GLU B 46 -4.81 19.23 30.03
CA GLU B 46 -4.11 19.31 31.31
C GLU B 46 -2.63 19.02 31.19
N ALA B 47 -2.21 18.33 30.13
CA ALA B 47 -0.82 17.89 30.00
C ALA B 47 0.06 18.85 29.23
N VAL B 48 -0.54 19.79 28.49
CA VAL B 48 0.21 20.62 27.55
C VAL B 48 0.14 22.11 27.89
N LYS B 49 -0.65 22.51 28.88
CA LYS B 49 -0.93 23.92 29.07
C LYS B 49 0.01 24.61 30.06
N GLY B 50 0.85 23.86 30.77
CA GLY B 50 1.99 24.43 31.43
C GLY B 50 3.25 24.39 30.59
N ILE B 51 3.14 24.04 29.30
CA ILE B 51 4.27 23.62 28.49
C ILE B 51 4.49 24.60 27.35
N THR B 52 5.76 24.69 26.91
CA THR B 52 6.09 25.49 25.73
C THR B 52 7.09 24.76 24.82
N CYS B 53 7.23 23.45 24.97
CA CYS B 53 8.14 22.66 24.13
C CYS B 53 7.81 21.19 24.34
N ILE B 54 7.58 20.48 23.24
CA ILE B 54 7.23 19.07 23.27
C ILE B 54 8.44 18.27 22.83
N ASP B 55 8.79 17.25 23.60
CA ASP B 55 10.01 16.47 23.39
C ASP B 55 9.64 15.07 22.92
N LEU B 56 9.57 14.89 21.61
CA LEU B 56 9.50 13.56 21.00
C LEU B 56 10.86 12.88 20.94
N SER B 57 11.79 13.32 21.78
CA SER B 57 13.12 12.73 21.84
C SER B 57 13.05 11.23 22.09
N ARG B 58 12.09 10.79 22.89
CA ARG B 58 12.10 9.42 23.42
C ARG B 58 10.94 8.57 22.90
N VAL B 59 10.36 8.92 21.75
CA VAL B 59 9.34 8.12 21.12
C VAL B 59 9.99 7.28 20.02
N SER B 60 9.58 6.02 19.91
CA SER B 60 10.15 5.09 18.94
C SER B 60 9.29 4.88 17.72
N ARG B 61 7.98 5.04 17.84
CA ARG B 61 7.05 4.76 16.74
C ARG B 61 5.94 5.80 16.75
N VAL B 62 5.57 6.28 15.57
CA VAL B 62 4.53 7.27 15.41
C VAL B 62 3.69 6.91 14.19
N ASP B 63 2.42 6.60 14.41
CA ASP B 63 1.52 6.32 13.30
C ASP B 63 0.78 7.61 12.90
N THR B 64 -0.14 7.49 11.94
CA THR B 64 -0.83 8.67 11.44
C THR B 64 -1.75 9.27 12.51
N GLY B 65 -2.40 8.42 13.30
CA GLY B 65 -3.27 8.92 14.36
C GLY B 65 -2.49 9.59 15.48
N GLY B 66 -1.35 9.01 15.85
CA GLY B 66 -0.53 9.62 16.88
C GLY B 66 0.01 10.97 16.46
N LEU B 67 0.39 11.11 15.19
CA LEU B 67 0.84 12.41 14.69
C LEU B 67 -0.30 13.44 14.73
N ALA B 68 -1.52 13.00 14.42
CA ALA B 68 -2.68 13.88 14.56
C ALA B 68 -2.84 14.35 15.99
N LEU B 69 -2.60 13.46 16.95
CA LEU B 69 -2.62 13.86 18.35
C LEU B 69 -1.54 14.89 18.65
N LEU B 70 -0.34 14.70 18.07
CA LEU B 70 0.74 15.65 18.28
C LEU B 70 0.38 17.03 17.74
N LEU B 71 -0.26 17.08 16.57
CA LEU B 71 -0.65 18.37 16.01
C LEU B 71 -1.66 19.08 16.90
N HIS B 72 -2.61 18.34 17.46
CA HIS B 72 -3.58 18.95 18.37
C HIS B 72 -2.91 19.39 19.66
N LEU B 73 -1.93 18.64 20.14
CA LEU B 73 -1.18 19.07 21.33
C LEU B 73 -0.41 20.35 21.04
N ILE B 74 0.22 20.44 19.87
CA ILE B 74 0.94 21.66 19.50
C ILE B 74 -0.03 22.83 19.40
N ASP B 75 -1.22 22.59 18.84
CA ASP B 75 -2.17 23.67 18.65
C ASP B 75 -2.76 24.15 19.98
N LEU B 76 -3.02 23.21 20.90
CA LEU B 76 -3.56 23.60 22.21
C LEU B 76 -2.60 24.54 22.94
N ALA B 77 -1.29 24.29 22.82
CA ALA B 77 -0.33 25.20 23.43
C ALA B 77 -0.24 26.52 22.68
N LYS B 78 -0.46 26.51 21.36
CA LYS B 78 -0.49 27.76 20.62
C LYS B 78 -1.66 28.64 21.05
N LYS B 79 -2.81 28.03 21.37
CA LYS B 79 -3.98 28.82 21.74
C LYS B 79 -3.75 29.53 23.08
N GLN B 80 -2.86 29.01 23.91
CA GLN B 80 -2.56 29.68 25.18
C GLN B 80 -1.87 31.01 24.93
N GLY B 81 -1.03 31.09 23.89
CA GLY B 81 -0.32 32.31 23.56
C GLY B 81 1.19 32.19 23.60
N ASN B 82 1.76 31.02 23.91
CA ASN B 82 3.21 30.84 23.94
C ASN B 82 3.63 29.93 22.79
N ASN B 83 4.57 30.42 21.98
CA ASN B 83 5.10 29.62 20.89
C ASN B 83 5.84 28.42 21.45
N VAL B 84 5.77 27.29 20.74
CA VAL B 84 6.29 26.02 21.25
C VAL B 84 7.32 25.46 20.30
N THR B 85 8.30 24.77 20.89
CA THR B 85 9.39 24.13 20.17
C THR B 85 9.10 22.64 19.99
N LEU B 86 9.65 22.08 18.93
CA LEU B 86 9.63 20.64 18.71
C LEU B 86 11.06 20.14 18.71
N GLN B 87 11.37 19.27 19.67
CA GLN B 87 12.75 18.86 19.93
C GLN B 87 12.87 17.34 19.87
N GLY B 88 13.90 16.86 19.16
CA GLY B 88 14.21 15.44 19.16
C GLY B 88 13.33 14.57 18.29
N VAL B 89 12.69 15.14 17.27
CA VAL B 89 11.76 14.37 16.45
C VAL B 89 12.53 13.37 15.61
N ASN B 90 12.03 12.15 15.56
CA ASN B 90 12.69 11.10 14.79
C ASN B 90 12.56 11.38 13.29
N ASP B 91 13.48 10.80 12.52
CA ASP B 91 13.51 11.03 11.08
C ASP B 91 12.23 10.54 10.41
N LYS B 92 11.71 9.40 10.85
CA LYS B 92 10.54 8.81 10.22
C LYS B 92 9.30 9.66 10.44
N VAL B 93 9.21 10.36 11.57
CA VAL B 93 8.09 11.24 11.83
C VAL B 93 8.06 12.38 10.80
N TYR B 94 9.23 12.97 10.52
CA TYR B 94 9.28 14.04 9.54
C TYR B 94 8.94 13.52 8.14
N THR B 95 9.33 12.28 7.83
CA THR B 95 8.90 11.68 6.56
C THR B 95 7.39 11.60 6.48
N LEU B 96 6.75 11.23 7.58
CA LEU B 96 5.29 11.18 7.61
C LEU B 96 4.68 12.57 7.46
N ALA B 97 5.29 13.57 8.11
CA ALA B 97 4.81 14.93 7.97
C ALA B 97 4.97 15.44 6.54
N LYS B 98 6.07 15.07 5.87
CA LYS B 98 6.26 15.49 4.49
C LYS B 98 5.23 14.84 3.57
N LEU B 99 4.82 13.61 3.89
CA LEU B 99 3.77 12.95 3.11
C LEU B 99 2.46 13.70 3.21
N TYR B 100 2.13 14.20 4.40
CA TYR B 100 0.88 14.91 4.64
C TYR B 100 1.01 16.41 4.42
N ASN B 101 2.15 16.87 3.92
CA ASN B 101 2.36 18.28 3.54
C ASN B 101 2.07 19.22 4.71
N LEU B 102 2.41 18.78 5.91
CA LEU B 102 2.11 19.54 7.11
C LEU B 102 2.90 20.83 7.13
N PRO B 103 2.24 22.00 7.16
CA PRO B 103 2.98 23.27 7.10
C PRO B 103 3.76 23.56 8.38
N ALA B 104 4.39 24.73 8.42
CA ALA B 104 5.14 25.14 9.61
C ALA B 104 4.21 25.53 10.76
N ASP B 105 2.96 25.89 10.47
CA ASP B 105 2.02 26.21 11.54
C ASP B 105 1.79 25.02 12.43
N VAL B 106 1.28 23.93 11.87
CA VAL B 106 0.86 22.78 12.68
C VAL B 106 2.06 22.06 13.27
N LEU B 107 3.23 22.16 12.66
CA LEU B 107 4.37 21.37 13.10
C LEU B 107 5.69 22.08 12.83
N PRO B 108 6.38 22.55 13.87
CA PRO B 108 7.68 23.20 13.65
C PRO B 108 8.73 22.18 13.25
N ARG B 109 9.71 22.64 12.48
CA ARG B 109 10.78 21.79 12.00
C ARG B 109 12.13 22.25 12.54
#